data_2OP1
#
_entry.id   2OP1
#
_cell.length_a   131.498
_cell.length_b   131.498
_cell.length_c   82.334
_cell.angle_alpha   90.00
_cell.angle_beta   90.00
_cell.angle_gamma   90.00
#
_symmetry.space_group_name_H-M   'P 43 21 2'
#
loop_
_entity.id
_entity.type
_entity.pdbx_description
1 polymer 'Enoyl-acyl carrier reductase'
2 non-polymer NICOTINAMIDE-ADENINE-DINUCLEOTIDE
3 non-polymer 2-(2,4-DICHLOROPHENOXY)-5-(PYRIDIN-2-YLMETHYL)PHENOL
4 water water
#
_entity_poly.entity_id   1
_entity_poly.type   'polypeptide(L)'
_entity_poly.pdbx_seq_one_letter_code
;MVHHHHHHNEDICFIAGIGDTNGYGWGIAKELSKRNVKIIFGIWPPVYNIFMKNYKNGKFDNDMIIDKDKKMNILDMLPF
DASFDTANDIDEETKNNKRYNMLQNYTIEDVANLIHQKYGKINMLVHSLANAKEVQKDLLNTSRKGYLDALSKSSYSLIS
LCKYFVNIMKPQSSIISLTYHASQKVVPGYGGGMSSAKAALESDTRVLAYHLGRNYNIRINTISAGPLKSRAATAINKLN
NTYENNTNQNKNRNSHDVHNIMNNSGEKEEKKNSASQNYTFIDYAIEYSEKYAPLRQKLLSTDIGSVASFLLSRESRAIT
GQTIYVDNGLNIMFLPDD
;
_entity_poly.pdbx_strand_id   A,B
#
loop_
_chem_comp.id
_chem_comp.type
_chem_comp.name
_chem_comp.formula
8PC non-polymer 2-(2,4-DICHLOROPHENOXY)-5-(PYRIDIN-2-YLMETHYL)PHENOL 'C18 H13 Cl2 N O2'
NAD non-polymer NICOTINAMIDE-ADENINE-DINUCLEOTIDE 'C21 H27 N7 O14 P2'
#
# COMPACT_ATOMS: atom_id res chain seq x y z
N GLU A 10 10.00 -6.73 -21.04
CA GLU A 10 11.33 -6.25 -20.68
C GLU A 10 11.27 -5.00 -19.80
N ASP A 11 11.32 -5.21 -18.48
CA ASP A 11 11.30 -4.12 -17.53
C ASP A 11 12.69 -3.92 -16.93
N ILE A 12 13.07 -2.67 -16.76
CA ILE A 12 14.36 -2.33 -16.21
C ILE A 12 14.22 -1.34 -15.07
N CYS A 13 14.89 -1.66 -13.96
CA CYS A 13 14.85 -0.83 -12.78
C CYS A 13 16.24 -0.34 -12.40
N PHE A 14 16.37 0.98 -12.23
CA PHE A 14 17.61 1.54 -11.69
C PHE A 14 17.48 1.70 -10.17
N ILE A 15 18.39 1.07 -9.44
CA ILE A 15 18.41 1.18 -7.98
C ILE A 15 19.58 2.03 -7.55
N ALA A 16 19.31 3.26 -7.12
CA ALA A 16 20.34 4.18 -6.67
C ALA A 16 20.57 4.08 -5.17
N GLY A 17 21.71 3.51 -4.78
CA GLY A 17 22.06 3.50 -3.37
C GLY A 17 22.17 2.10 -2.79
N ILE A 18 23.17 1.39 -3.24
CA ILE A 18 23.50 0.10 -2.66
C ILE A 18 25.00 0.13 -2.35
N GLY A 19 25.42 -0.63 -1.34
CA GLY A 19 26.83 -0.67 -0.95
C GLY A 19 27.22 -2.07 -0.52
N ASP A 20 26.20 -2.88 -0.28
CA ASP A 20 26.38 -4.28 0.07
C ASP A 20 25.04 -4.99 -0.12
N THR A 21 24.99 -6.26 0.28
CA THR A 21 23.75 -7.01 0.15
C THR A 21 22.96 -7.00 1.47
N ASN A 22 23.28 -6.05 2.34
CA ASN A 22 22.71 -6.02 3.69
C ASN A 22 21.62 -4.98 3.92
N GLY A 23 21.26 -4.25 2.86
CA GLY A 23 20.29 -3.17 2.98
C GLY A 23 19.01 -3.37 2.19
N TYR A 24 18.18 -2.34 2.13
CA TYR A 24 16.91 -2.42 1.42
C TYR A 24 17.09 -2.54 -0.09
N GLY A 25 18.07 -1.83 -0.63
CA GLY A 25 18.33 -1.86 -2.06
C GLY A 25 18.43 -3.28 -2.57
N TRP A 26 19.19 -4.10 -1.85
CA TRP A 26 19.37 -5.50 -2.22
C TRP A 26 18.08 -6.32 -2.15
N GLY A 27 17.36 -6.18 -1.03
CA GLY A 27 16.09 -6.86 -0.85
C GLY A 27 15.11 -6.51 -1.96
N ILE A 28 15.17 -5.26 -2.41
CA ILE A 28 14.33 -4.80 -3.50
C ILE A 28 14.76 -5.41 -4.84
N ALA A 29 16.07 -5.46 -5.07
CA ALA A 29 16.62 -6.12 -6.27
C ALA A 29 16.19 -7.58 -6.34
N LYS A 30 16.31 -8.28 -5.21
CA LYS A 30 15.94 -9.70 -5.16
C LYS A 30 14.47 -9.94 -5.55
N GLU A 31 13.57 -9.19 -4.93
CA GLU A 31 12.14 -9.36 -5.18
C GLU A 31 11.76 -9.01 -6.61
N LEU A 32 12.29 -7.89 -7.11
CA LEU A 32 12.09 -7.50 -8.50
C LEU A 32 12.54 -8.61 -9.47
N SER A 33 13.62 -9.31 -9.13
CA SER A 33 14.15 -10.36 -10.00
C SER A 33 13.17 -11.50 -10.20
N LYS A 34 12.36 -11.77 -9.18
CA LYS A 34 11.29 -12.76 -9.30
C LYS A 34 10.33 -12.40 -10.43
N ARG A 35 10.10 -11.11 -10.62
CA ARG A 35 9.22 -10.62 -11.69
C ARG A 35 9.98 -10.51 -13.01
N ASN A 36 11.22 -10.98 -13.03
CA ASN A 36 12.08 -10.91 -14.22
C ASN A 36 12.43 -9.48 -14.61
N VAL A 37 12.60 -8.62 -13.61
CA VAL A 37 12.98 -7.24 -13.85
C VAL A 37 14.50 -7.16 -13.96
N LYS A 38 15.00 -6.47 -14.98
CA LYS A 38 16.43 -6.30 -15.14
C LYS A 38 16.91 -5.20 -14.20
N ILE A 39 17.98 -5.47 -13.47
CA ILE A 39 18.43 -4.54 -12.42
C ILE A 39 19.71 -3.81 -12.82
N ILE A 40 19.72 -2.49 -12.60
CA ILE A 40 20.96 -1.71 -12.70
C ILE A 40 21.23 -1.08 -11.33
N PHE A 41 22.44 -1.27 -10.81
CA PHE A 41 22.82 -0.70 -9.52
C PHE A 41 23.57 0.61 -9.68
N GLY A 42 23.19 1.61 -8.89
CA GLY A 42 23.94 2.84 -8.77
C GLY A 42 24.65 2.81 -7.45
N ILE A 43 25.97 2.96 -7.49
CA ILE A 43 26.77 2.74 -6.29
C ILE A 43 27.67 3.93 -6.00
N TRP A 44 27.61 4.39 -4.75
CA TRP A 44 28.42 5.51 -4.28
C TRP A 44 29.89 5.27 -4.63
N PRO A 45 30.48 6.16 -5.43
CA PRO A 45 31.83 5.96 -5.96
C PRO A 45 32.88 5.48 -4.93
N PRO A 46 32.90 6.06 -3.71
CA PRO A 46 33.89 5.67 -2.71
C PRO A 46 33.84 4.20 -2.29
N VAL A 47 32.77 3.50 -2.63
CA VAL A 47 32.70 2.07 -2.36
C VAL A 47 32.42 1.27 -3.64
N TYR A 48 32.52 1.92 -4.78
CA TYR A 48 32.24 1.25 -6.05
C TYR A 48 33.22 0.12 -6.31
N ASN A 49 34.51 0.43 -6.22
CA ASN A 49 35.54 -0.57 -6.50
C ASN A 49 35.49 -1.76 -5.54
N ILE A 50 35.38 -1.48 -4.24
CA ILE A 50 35.20 -2.55 -3.26
C ILE A 50 34.03 -3.44 -3.65
N PHE A 51 32.92 -2.82 -4.01
CA PHE A 51 31.71 -3.56 -4.37
C PHE A 51 31.97 -4.46 -5.58
N MET A 52 32.62 -3.91 -6.60
CA MET A 52 32.95 -4.67 -7.80
C MET A 52 33.85 -5.85 -7.46
N LYS A 53 34.81 -5.62 -6.57
CA LYS A 53 35.75 -6.66 -6.17
C LYS A 53 35.01 -7.81 -5.50
N ASN A 54 34.25 -7.50 -4.46
CA ASN A 54 33.44 -8.49 -3.76
C ASN A 54 32.54 -9.27 -4.71
N TYR A 55 31.93 -8.54 -5.65
CA TYR A 55 31.05 -9.16 -6.63
C TYR A 55 31.83 -10.15 -7.48
N LYS A 56 33.02 -9.74 -7.91
CA LYS A 56 33.89 -10.56 -8.72
C LYS A 56 34.37 -11.78 -7.93
N ASN A 57 34.80 -11.54 -6.69
CA ASN A 57 35.25 -12.61 -5.79
C ASN A 57 34.13 -13.51 -5.31
N GLY A 58 32.94 -13.35 -5.90
CA GLY A 58 31.81 -14.23 -5.63
C GLY A 58 31.15 -14.09 -4.25
N LYS A 59 31.53 -13.06 -3.51
CA LYS A 59 30.99 -12.84 -2.16
C LYS A 59 29.46 -12.71 -2.13
N PHE A 60 28.87 -12.35 -3.26
CA PHE A 60 27.42 -12.11 -3.34
C PHE A 60 26.65 -13.25 -4.02
N ASP A 61 27.35 -14.31 -4.42
CA ASP A 61 26.72 -15.39 -5.18
C ASP A 61 25.53 -16.02 -4.46
N ASN A 62 25.71 -16.35 -3.17
CA ASN A 62 24.63 -16.88 -2.37
C ASN A 62 23.48 -15.89 -2.25
N ASP A 63 23.82 -14.62 -2.16
CA ASP A 63 22.82 -13.57 -2.02
C ASP A 63 22.02 -13.36 -3.30
N MET A 64 22.56 -13.81 -4.43
CA MET A 64 21.95 -13.55 -5.73
C MET A 64 20.94 -14.61 -6.18
N ILE A 65 20.88 -15.74 -5.48
CA ILE A 65 20.00 -16.84 -5.89
C ILE A 65 18.55 -16.55 -5.53
N ILE A 66 17.66 -16.79 -6.49
CA ILE A 66 16.28 -16.31 -6.37
C ILE A 66 15.23 -17.38 -6.06
N ASP A 69 15.40 -21.43 -8.26
CA ASP A 69 16.42 -21.77 -9.23
C ASP A 69 16.54 -20.70 -10.31
N LYS A 70 16.77 -19.48 -9.86
CA LYS A 70 16.82 -18.32 -10.73
C LYS A 70 17.96 -17.44 -10.26
N LYS A 71 18.78 -16.95 -11.19
CA LYS A 71 19.85 -16.04 -10.84
C LYS A 71 19.31 -14.61 -10.91
N MET A 72 19.73 -13.76 -9.98
CA MET A 72 19.42 -12.35 -10.11
C MET A 72 20.10 -11.84 -11.39
N ASN A 73 19.32 -11.24 -12.27
CA ASN A 73 19.87 -10.71 -13.51
C ASN A 73 20.30 -9.26 -13.37
N ILE A 74 21.55 -9.07 -12.95
CA ILE A 74 22.12 -7.74 -12.85
C ILE A 74 22.66 -7.25 -14.19
N LEU A 75 21.90 -6.36 -14.82
CA LEU A 75 22.26 -5.82 -16.12
C LEU A 75 23.52 -4.93 -16.06
N ASP A 76 23.67 -4.14 -15.01
CA ASP A 76 24.87 -3.29 -14.89
C ASP A 76 25.06 -2.73 -13.48
N MET A 77 26.28 -2.29 -13.20
CA MET A 77 26.62 -1.68 -11.93
C MET A 77 27.47 -0.46 -12.23
N LEU A 78 26.97 0.71 -11.84
CA LEU A 78 27.59 1.96 -12.21
C LEU A 78 27.86 2.81 -10.99
N PRO A 79 28.97 3.56 -11.03
CA PRO A 79 29.26 4.53 -9.98
C PRO A 79 28.19 5.63 -10.04
N PHE A 80 27.72 6.08 -8.89
CA PHE A 80 26.60 7.01 -8.85
C PHE A 80 26.69 7.85 -7.59
N ASP A 81 26.79 9.16 -7.77
CA ASP A 81 26.84 10.08 -6.63
C ASP A 81 25.64 11.04 -6.57
N ALA A 82 24.81 10.88 -5.54
CA ALA A 82 23.57 11.63 -5.40
C ALA A 82 23.76 13.10 -5.04
N SER A 83 24.97 13.49 -4.68
CA SER A 83 25.21 14.89 -4.35
C SER A 83 25.60 15.78 -5.54
N PHE A 84 25.86 15.17 -6.70
CA PHE A 84 26.16 15.95 -7.92
C PHE A 84 25.10 15.75 -9.00
N ASP A 85 24.55 16.85 -9.49
CA ASP A 85 23.47 16.80 -10.48
C ASP A 85 24.00 16.61 -11.89
N THR A 86 25.04 17.37 -12.24
CA THR A 86 25.63 17.27 -13.58
C THR A 86 27.15 17.37 -13.49
N ALA A 87 27.81 17.14 -14.61
CA ALA A 87 29.26 17.26 -14.67
C ALA A 87 29.71 18.62 -14.13
N ASN A 88 28.89 19.63 -14.38
CA ASN A 88 29.15 20.99 -13.93
C ASN A 88 29.35 21.18 -12.42
N ASP A 89 28.80 20.27 -11.62
CA ASP A 89 28.80 20.44 -10.16
C ASP A 89 30.00 19.83 -9.45
N ILE A 90 30.84 19.09 -10.18
CA ILE A 90 31.98 18.41 -9.56
C ILE A 90 33.09 19.37 -9.13
N ASP A 91 33.26 19.50 -7.80
CA ASP A 91 34.29 20.35 -7.23
C ASP A 91 35.68 19.71 -7.34
N GLU A 92 36.70 20.55 -7.47
CA GLU A 92 38.06 20.10 -7.76
C GLU A 92 38.65 19.16 -6.72
N GLU A 93 38.15 19.26 -5.49
CA GLU A 93 38.66 18.44 -4.40
C GLU A 93 38.27 16.97 -4.57
N THR A 94 37.10 16.73 -5.17
CA THR A 94 36.68 15.37 -5.49
C THR A 94 37.27 14.91 -6.82
N LYS A 95 37.49 15.87 -7.72
CA LYS A 95 38.16 15.58 -8.99
C LYS A 95 39.55 15.01 -8.71
N ASN A 96 40.27 15.68 -7.83
CA ASN A 96 41.57 15.21 -7.37
C ASN A 96 41.46 13.93 -6.56
N ASN A 97 40.34 13.77 -5.86
CA ASN A 97 40.18 12.69 -4.90
C ASN A 97 40.57 11.32 -5.42
N LYS A 98 41.26 10.57 -4.56
CA LYS A 98 41.72 9.22 -4.88
C LYS A 98 40.66 8.40 -5.59
N ARG A 99 39.64 7.97 -4.86
CA ARG A 99 38.60 7.10 -5.40
C ARG A 99 37.97 7.61 -6.69
N TYR A 100 37.47 8.85 -6.67
CA TYR A 100 36.79 9.42 -7.83
C TYR A 100 37.69 9.54 -9.07
N ASN A 101 38.98 9.77 -8.84
CA ASN A 101 39.92 10.02 -9.92
C ASN A 101 39.85 8.99 -11.05
N MET A 102 39.67 7.72 -10.69
CA MET A 102 39.66 6.65 -11.67
C MET A 102 38.25 6.25 -12.11
N LEU A 103 37.25 7.09 -11.80
CA LEU A 103 35.88 6.83 -12.24
C LEU A 103 35.34 8.04 -12.98
N GLN A 104 34.34 7.81 -13.84
CA GLN A 104 33.79 8.89 -14.67
C GLN A 104 32.27 8.77 -14.84
N ASN A 105 31.63 9.87 -15.19
CA ASN A 105 30.19 9.87 -15.50
C ASN A 105 29.31 9.37 -14.35
N TYR A 106 29.60 9.84 -13.14
CA TYR A 106 28.88 9.36 -11.97
C TYR A 106 27.89 10.36 -11.39
N THR A 107 27.72 11.51 -12.06
CA THR A 107 26.73 12.48 -11.62
C THR A 107 25.35 12.00 -12.02
N ILE A 108 24.31 12.53 -11.38
CA ILE A 108 22.95 12.07 -11.63
C ILE A 108 22.58 12.13 -13.11
N GLU A 109 22.82 13.27 -13.76
CA GLU A 109 22.53 13.38 -15.19
C GLU A 109 23.42 12.48 -16.07
N ASP A 110 24.70 12.38 -15.72
CA ASP A 110 25.62 11.50 -16.44
C ASP A 110 25.15 10.05 -16.42
N VAL A 111 24.69 9.57 -15.26
CA VAL A 111 24.24 8.18 -15.15
C VAL A 111 22.97 7.91 -15.96
N ALA A 112 22.05 8.87 -15.97
CA ALA A 112 20.84 8.73 -16.76
C ALA A 112 21.18 8.63 -18.25
N ASN A 113 22.11 9.47 -18.71
CA ASN A 113 22.57 9.42 -20.10
C ASN A 113 23.24 8.08 -20.47
N LEU A 114 24.14 7.62 -19.62
CA LEU A 114 24.77 6.31 -19.78
C LEU A 114 23.74 5.19 -19.93
N ILE A 115 22.83 5.10 -18.96
CA ILE A 115 21.83 4.04 -18.94
C ILE A 115 20.98 4.09 -20.19
N HIS A 116 20.51 5.28 -20.53
CA HIS A 116 19.67 5.49 -21.70
C HIS A 116 20.39 5.06 -22.97
N GLN A 117 21.67 5.42 -23.05
CA GLN A 117 22.50 5.12 -24.21
C GLN A 117 22.68 3.60 -24.34
N LYS A 118 23.16 2.98 -23.26
CA LYS A 118 23.46 1.56 -23.28
C LYS A 118 22.23 0.68 -23.42
N TYR A 119 21.13 1.06 -22.76
CA TYR A 119 20.01 0.12 -22.62
C TYR A 119 18.66 0.66 -23.04
N GLY A 120 18.58 1.94 -23.37
CA GLY A 120 17.30 2.54 -23.72
C GLY A 120 16.51 2.99 -22.50
N LYS A 121 15.21 3.15 -22.67
CA LYS A 121 14.37 3.66 -21.60
C LYS A 121 14.05 2.60 -20.56
N ILE A 122 13.94 3.04 -19.31
CA ILE A 122 13.59 2.15 -18.21
C ILE A 122 12.19 2.49 -17.74
N ASN A 123 11.65 1.70 -16.81
CA ASN A 123 10.33 2.01 -16.29
C ASN A 123 10.17 1.88 -14.79
N MET A 124 11.27 1.60 -14.10
CA MET A 124 11.27 1.53 -12.65
C MET A 124 12.49 2.25 -12.07
N LEU A 125 12.26 3.03 -11.03
CA LEU A 125 13.31 3.81 -10.41
C LEU A 125 13.21 3.66 -8.89
N VAL A 126 14.32 3.32 -8.26
CA VAL A 126 14.34 3.20 -6.80
C VAL A 126 15.37 4.16 -6.21
N HIS A 127 14.90 5.07 -5.35
CA HIS A 127 15.78 5.93 -4.57
C HIS A 127 15.97 5.27 -3.21
N SER A 128 17.18 4.79 -2.94
CA SER A 128 17.42 4.01 -1.72
C SER A 128 18.70 4.48 -1.05
N LEU A 129 18.74 5.74 -0.70
CA LEU A 129 19.99 6.28 -0.16
C LEU A 129 19.73 7.38 0.85
N ALA A 130 20.56 7.38 1.89
CA ALA A 130 20.52 8.43 2.88
C ALA A 130 21.93 8.66 3.40
N ASN A 131 22.25 9.92 3.68
CA ASN A 131 23.51 10.25 4.31
C ASN A 131 23.37 11.54 5.09
N ALA A 132 23.88 11.54 6.30
CA ALA A 132 23.97 12.74 7.12
C ALA A 132 25.30 12.69 7.85
N LYS A 133 26.18 13.63 7.55
CA LYS A 133 27.51 13.65 8.16
C LYS A 133 27.50 13.82 9.67
N GLU A 134 26.40 14.35 10.21
CA GLU A 134 26.29 14.56 11.66
C GLU A 134 25.15 13.76 12.28
N VAL A 135 24.81 12.63 11.67
CA VAL A 135 23.70 11.80 12.13
C VAL A 135 23.81 11.43 13.62
N GLN A 136 25.01 11.52 14.15
CA GLN A 136 25.26 11.18 15.56
C GLN A 136 24.89 12.31 16.53
N LYS A 137 24.90 13.55 16.05
CA LYS A 137 24.53 14.68 16.90
C LYS A 137 23.01 14.83 16.87
N ASP A 138 22.41 15.23 17.98
CA ASP A 138 20.98 15.50 17.95
C ASP A 138 20.72 16.82 17.20
N LEU A 139 19.46 17.03 16.82
CA LEU A 139 19.06 18.10 15.90
C LEU A 139 19.56 19.45 16.38
N LEU A 140 19.37 19.72 17.67
CA LEU A 140 19.70 21.01 18.27
C LEU A 140 21.20 21.30 18.16
N ASN A 141 22.01 20.25 18.08
CA ASN A 141 23.46 20.39 17.98
C ASN A 141 24.01 20.13 16.59
N THR A 142 23.14 20.05 15.60
CA THR A 142 23.57 19.86 14.21
C THR A 142 23.92 21.20 13.57
N SER A 143 25.04 21.23 12.86
CA SER A 143 25.47 22.45 12.18
C SER A 143 24.66 22.72 10.92
N ARG A 144 24.67 23.96 10.45
CA ARG A 144 23.99 24.32 9.21
C ARG A 144 24.52 23.46 8.07
N LYS A 145 25.84 23.28 8.05
CA LYS A 145 26.51 22.46 7.06
C LYS A 145 26.03 21.01 7.12
N GLY A 146 25.95 20.46 8.33
CA GLY A 146 25.51 19.08 8.51
C GLY A 146 24.06 18.86 8.13
N TYR A 147 23.21 19.82 8.50
CA TYR A 147 21.79 19.77 8.19
C TYR A 147 21.55 19.79 6.67
N LEU A 148 22.10 20.79 5.99
CA LEU A 148 21.94 20.92 4.54
C LEU A 148 22.55 19.75 3.77
N ASP A 149 23.64 19.20 4.28
CA ASP A 149 24.22 18.00 3.68
C ASP A 149 23.23 16.84 3.72
N ALA A 150 22.58 16.70 4.88
CA ALA A 150 21.54 15.68 5.06
C ALA A 150 20.41 15.88 4.06
N LEU A 151 19.94 17.11 3.92
CA LEU A 151 18.85 17.41 2.99
C LEU A 151 19.27 17.21 1.55
N SER A 152 20.52 17.57 1.26
CA SER A 152 21.04 17.51 -0.10
C SER A 152 21.11 16.07 -0.56
N LYS A 153 21.72 15.23 0.27
CA LYS A 153 21.94 13.85 -0.09
C LYS A 153 20.69 12.99 0.02
N SER A 154 19.84 13.28 1.00
CA SER A 154 18.73 12.38 1.31
C SER A 154 17.39 12.82 0.73
N SER A 155 17.26 14.10 0.41
CA SER A 155 15.97 14.65 -0.02
C SER A 155 16.02 15.24 -1.41
N TYR A 156 16.87 16.25 -1.61
CA TYR A 156 16.96 16.85 -2.93
C TYR A 156 17.39 15.82 -3.99
N SER A 157 18.23 14.88 -3.60
CA SER A 157 18.66 13.83 -4.51
C SER A 157 17.46 13.14 -5.16
N LEU A 158 16.37 12.98 -4.41
CA LEU A 158 15.18 12.36 -4.99
C LEU A 158 14.60 13.22 -6.12
N ILE A 159 14.49 14.53 -5.86
CA ILE A 159 13.96 15.46 -6.85
C ILE A 159 14.84 15.46 -8.10
N SER A 160 16.15 15.53 -7.91
CA SER A 160 17.07 15.58 -9.03
C SER A 160 17.06 14.26 -9.81
N LEU A 161 16.91 13.15 -9.10
CA LEU A 161 16.78 11.85 -9.73
C LEU A 161 15.57 11.87 -10.67
N CYS A 162 14.46 12.42 -10.19
CA CYS A 162 13.23 12.46 -10.99
C CYS A 162 13.41 13.42 -12.15
N LYS A 163 13.98 14.58 -11.86
CA LYS A 163 14.23 15.58 -12.89
C LYS A 163 14.94 14.95 -14.08
N TYR A 164 16.03 14.23 -13.81
CA TYR A 164 16.87 13.68 -14.87
C TYR A 164 16.46 12.32 -15.44
N PHE A 165 15.82 11.48 -14.65
CA PHE A 165 15.47 10.16 -15.16
C PHE A 165 14.13 10.11 -15.87
N VAL A 166 13.31 11.14 -15.69
CA VAL A 166 11.98 11.13 -16.28
C VAL A 166 12.05 11.11 -17.81
N ASN A 167 13.03 11.81 -18.36
CA ASN A 167 13.26 11.82 -19.80
C ASN A 167 13.65 10.47 -20.38
N ILE A 168 14.15 9.56 -19.54
CA ILE A 168 14.54 8.23 -19.99
C ILE A 168 13.61 7.14 -19.47
N MET A 169 12.40 7.52 -19.09
CA MET A 169 11.43 6.55 -18.60
C MET A 169 10.19 6.45 -19.49
N LYS A 170 9.61 5.26 -19.58
CA LYS A 170 8.38 5.07 -20.34
C LYS A 170 7.19 5.66 -19.59
N PRO A 171 6.11 5.95 -20.31
CA PRO A 171 4.89 6.38 -19.62
C PRO A 171 4.38 5.26 -18.74
N GLN A 172 3.57 5.59 -17.73
CA GLN A 172 3.20 4.67 -16.65
C GLN A 172 4.40 4.03 -15.93
N SER A 173 5.53 4.72 -15.92
CA SER A 173 6.65 4.28 -15.11
C SER A 173 6.32 4.52 -13.64
N SER A 174 7.15 3.99 -12.76
CA SER A 174 6.91 4.10 -11.33
C SER A 174 8.21 4.31 -10.55
N ILE A 175 8.10 5.07 -9.46
CA ILE A 175 9.25 5.47 -8.67
C ILE A 175 8.97 5.27 -7.18
N ILE A 176 9.96 4.79 -6.45
CA ILE A 176 9.83 4.73 -5.00
C ILE A 176 11.09 5.19 -4.30
N SER A 177 10.91 5.65 -3.06
CA SER A 177 12.04 5.92 -2.19
C SER A 177 11.79 5.26 -0.83
N LEU A 178 12.77 5.38 0.06
CA LEU A 178 12.68 4.80 1.40
C LEU A 178 12.72 5.88 2.47
N THR A 179 11.82 5.78 3.43
CA THR A 179 11.74 6.79 4.47
C THR A 179 11.61 6.11 5.82
N TYR A 180 11.50 6.93 6.87
CA TYR A 180 11.46 6.39 8.21
C TYR A 180 10.59 7.31 9.08
N HIS A 181 9.90 6.70 10.03
CA HIS A 181 8.82 7.32 10.83
C HIS A 181 9.30 8.45 11.75
N ALA A 182 10.62 8.57 11.93
CA ALA A 182 11.19 9.69 12.69
C ALA A 182 10.75 11.05 12.10
N SER A 183 10.37 11.06 10.83
CA SER A 183 9.84 12.25 10.19
C SER A 183 8.55 12.74 10.88
N GLN A 184 7.75 11.78 11.35
CA GLN A 184 6.39 12.05 11.84
C GLN A 184 6.30 12.00 13.38
N LYS A 185 7.15 11.20 14.00
CA LYS A 185 7.17 11.05 15.45
C LYS A 185 8.61 11.02 15.94
N VAL A 186 8.81 11.48 17.17
CA VAL A 186 10.17 11.67 17.69
C VAL A 186 10.90 10.36 17.97
N VAL A 187 12.07 10.24 17.37
CA VAL A 187 13.00 9.16 17.63
C VAL A 187 14.33 9.78 18.05
N PRO A 188 14.54 9.94 19.37
CA PRO A 188 15.82 10.47 19.85
C PRO A 188 16.95 9.56 19.36
N GLY A 189 18.01 10.14 18.84
CA GLY A 189 19.11 9.33 18.32
C GLY A 189 19.18 9.31 16.80
N TYR A 190 18.05 9.57 16.15
CA TYR A 190 18.02 9.70 14.70
C TYR A 190 18.29 11.18 14.38
N GLY A 191 19.56 11.58 14.52
CA GLY A 191 19.93 12.99 14.46
C GLY A 191 20.50 13.49 13.15
N GLY A 192 21.16 14.65 13.23
CA GLY A 192 21.86 15.22 12.10
C GLY A 192 20.97 15.80 11.02
N GLY A 193 19.67 15.88 11.29
CA GLY A 193 18.74 16.36 10.28
C GLY A 193 18.22 15.26 9.38
N MET A 194 18.50 14.00 9.72
CA MET A 194 17.93 12.86 9.00
C MET A 194 16.41 12.82 9.14
N SER A 195 15.91 13.13 10.33
CA SER A 195 14.47 13.26 10.54
C SER A 195 13.89 14.36 9.65
N SER A 196 14.60 15.50 9.60
CA SER A 196 14.16 16.63 8.78
C SER A 196 14.17 16.23 7.31
N ALA A 197 15.19 15.49 6.92
CA ALA A 197 15.34 15.05 5.54
C ALA A 197 14.20 14.11 5.13
N LYS A 198 13.81 13.21 6.04
CA LYS A 198 12.74 12.27 5.77
C LYS A 198 11.37 12.96 5.67
N ALA A 199 11.16 13.95 6.53
CA ALA A 199 9.93 14.74 6.50
C ALA A 199 9.82 15.47 5.16
N ALA A 200 10.92 16.05 4.70
CA ALA A 200 10.94 16.75 3.41
C ALA A 200 10.70 15.76 2.28
N LEU A 201 11.29 14.57 2.40
CA LEU A 201 11.16 13.56 1.36
C LEU A 201 9.72 13.07 1.21
N GLU A 202 9.03 12.92 2.32
CA GLU A 202 7.65 12.45 2.29
C GLU A 202 6.72 13.52 1.73
N SER A 203 7.01 14.78 2.06
CA SER A 203 6.25 15.90 1.52
C SER A 203 6.52 16.05 0.02
N ASP A 204 7.78 15.94 -0.36
CA ASP A 204 8.20 16.09 -1.76
C ASP A 204 7.58 14.96 -2.59
N THR A 205 7.37 13.80 -1.97
CA THR A 205 6.77 12.67 -2.66
C THR A 205 5.37 13.02 -3.15
N ARG A 206 4.63 13.77 -2.33
CA ARG A 206 3.32 14.26 -2.73
C ARG A 206 3.41 15.30 -3.85
N VAL A 207 4.27 16.29 -3.66
CA VAL A 207 4.39 17.35 -4.66
C VAL A 207 4.84 16.77 -6.01
N LEU A 208 5.83 15.88 -5.95
CA LEU A 208 6.32 15.19 -7.14
C LEU A 208 5.24 14.32 -7.80
N ALA A 209 4.44 13.66 -6.98
CA ALA A 209 3.35 12.82 -7.50
C ALA A 209 2.36 13.62 -8.35
N TYR A 210 2.05 14.83 -7.90
CA TYR A 210 1.19 15.72 -8.68
C TYR A 210 1.82 16.09 -10.04
N HIS A 211 3.04 16.63 -10.01
CA HIS A 211 3.73 17.02 -11.25
C HIS A 211 3.94 15.84 -12.20
N LEU A 212 4.54 14.76 -11.70
CA LEU A 212 4.84 13.60 -12.53
C LEU A 212 3.57 12.92 -13.02
N GLY A 213 2.54 12.95 -12.18
CA GLY A 213 1.29 12.30 -12.52
C GLY A 213 0.59 13.04 -13.65
N ARG A 214 0.50 14.36 -13.53
CA ARG A 214 -0.22 15.18 -14.51
C ARG A 214 0.57 15.32 -15.81
N ASN A 215 1.88 15.52 -15.70
CA ASN A 215 2.70 15.81 -16.86
C ASN A 215 3.27 14.59 -17.58
N TYR A 216 3.41 13.46 -16.88
CA TYR A 216 4.01 12.29 -17.52
C TYR A 216 3.26 11.00 -17.25
N ASN A 217 2.21 11.06 -16.45
CA ASN A 217 1.54 9.84 -16.02
C ASN A 217 2.52 8.88 -15.37
N ILE A 218 3.44 9.42 -14.58
CA ILE A 218 4.37 8.60 -13.81
C ILE A 218 4.01 8.69 -12.34
N ARG A 219 4.12 7.57 -11.64
CA ARG A 219 3.75 7.52 -10.23
C ARG A 219 4.97 7.55 -9.33
N ILE A 220 4.79 8.07 -8.12
CA ILE A 220 5.86 8.06 -7.14
C ILE A 220 5.28 7.89 -5.73
N ASN A 221 5.92 7.03 -4.95
CA ASN A 221 5.50 6.72 -3.60
C ASN A 221 6.75 6.50 -2.76
N THR A 222 6.57 6.38 -1.45
CA THR A 222 7.71 6.12 -0.59
C THR A 222 7.34 5.03 0.42
N ILE A 223 8.31 4.21 0.79
CA ILE A 223 8.08 3.15 1.76
C ILE A 223 8.71 3.54 3.09
N SER A 224 7.88 3.67 4.13
CA SER A 224 8.40 3.88 5.46
C SER A 224 8.71 2.52 6.10
N ALA A 225 9.99 2.20 6.20
CA ALA A 225 10.45 0.88 6.60
C ALA A 225 10.81 0.80 8.08
N GLY A 226 10.63 -0.38 8.65
CA GLY A 226 11.05 -0.63 10.01
C GLY A 226 12.55 -0.88 10.00
N PRO A 227 13.14 -1.12 11.17
CA PRO A 227 14.60 -1.20 11.25
C PRO A 227 15.15 -2.51 10.65
N LEU A 228 16.28 -2.38 9.96
CA LEU A 228 17.06 -3.50 9.43
C LEU A 228 18.48 -3.25 9.88
N LYS A 229 19.16 -4.28 10.36
CA LYS A 229 20.59 -4.09 10.67
C LYS A 229 21.38 -4.02 9.37
N SER A 230 21.62 -2.80 8.90
CA SER A 230 22.35 -2.59 7.65
C SER A 230 23.53 -1.65 7.85
N THR A 280 24.61 0.14 17.10
CA THR A 280 24.24 1.08 18.16
C THR A 280 22.73 1.12 18.34
N PHE A 281 22.16 2.25 17.97
CA PHE A 281 20.73 2.51 18.12
C PHE A 281 19.88 1.57 17.26
N ILE A 282 20.46 1.08 16.18
CA ILE A 282 19.75 0.17 15.30
C ILE A 282 19.40 -1.11 16.05
N ASP A 283 20.29 -1.50 16.96
CA ASP A 283 20.06 -2.69 17.77
C ASP A 283 18.91 -2.46 18.73
N TYR A 284 18.81 -1.25 19.26
CA TYR A 284 17.67 -0.88 20.09
C TYR A 284 16.38 -0.95 19.28
N ALA A 285 16.37 -0.24 18.15
CA ALA A 285 15.19 -0.14 17.30
C ALA A 285 14.65 -1.51 16.93
N ILE A 286 15.54 -2.40 16.48
CA ILE A 286 15.17 -3.75 16.08
C ILE A 286 14.59 -4.56 17.25
N GLU A 287 15.23 -4.44 18.41
CA GLU A 287 14.75 -5.14 19.59
C GLU A 287 13.38 -4.65 20.02
N TYR A 288 13.25 -3.33 20.13
CA TYR A 288 11.98 -2.71 20.51
C TYR A 288 10.88 -3.08 19.53
N SER A 289 11.19 -2.98 18.24
CA SER A 289 10.25 -3.36 17.20
C SER A 289 9.76 -4.79 17.36
N GLU A 290 10.69 -5.71 17.57
CA GLU A 290 10.37 -7.13 17.69
C GLU A 290 9.63 -7.47 19.00
N LYS A 291 9.77 -6.60 19.98
CA LYS A 291 9.02 -6.77 21.22
C LYS A 291 7.60 -6.22 21.09
N TYR A 292 7.46 -5.04 20.51
CA TYR A 292 6.20 -4.29 20.58
C TYR A 292 5.38 -4.18 19.29
N ALA A 293 5.96 -4.50 18.14
CA ALA A 293 5.19 -4.45 16.90
C ALA A 293 4.04 -5.47 16.94
N PRO A 294 2.89 -5.11 16.32
CA PRO A 294 1.75 -6.03 16.15
C PRO A 294 2.17 -7.39 15.60
N LEU A 295 3.08 -7.41 14.62
CA LEU A 295 3.52 -8.66 14.01
C LEU A 295 4.90 -9.07 14.55
N ARG A 296 4.98 -10.29 15.09
CA ARG A 296 6.19 -10.80 15.76
C ARG A 296 7.34 -11.20 14.84
N GLN A 297 7.05 -11.59 13.61
CA GLN A 297 8.10 -12.09 12.74
C GLN A 297 9.22 -11.07 12.57
N LYS A 298 10.42 -11.54 12.20
CA LYS A 298 11.53 -10.65 11.93
C LYS A 298 11.25 -9.92 10.64
N LEU A 299 11.52 -8.62 10.62
CA LEU A 299 11.36 -7.81 9.40
C LEU A 299 12.54 -8.06 8.50
N LEU A 300 12.26 -8.51 7.28
CA LEU A 300 13.32 -8.86 6.34
C LEU A 300 13.43 -7.81 5.24
N SER A 301 14.62 -7.68 4.67
CA SER A 301 14.84 -6.69 3.64
C SER A 301 13.93 -7.01 2.45
N THR A 302 13.59 -8.29 2.30
CA THR A 302 12.67 -8.73 1.25
C THR A 302 11.19 -8.50 1.59
N ASP A 303 10.90 -8.17 2.85
CA ASP A 303 9.54 -7.72 3.18
C ASP A 303 9.32 -6.36 2.55
N ILE A 304 10.33 -5.50 2.63
CA ILE A 304 10.30 -4.23 1.93
C ILE A 304 10.36 -4.47 0.41
N GLY A 305 11.15 -5.47 0.00
CA GLY A 305 11.31 -5.80 -1.40
C GLY A 305 10.03 -6.13 -2.14
N SER A 306 9.22 -7.01 -1.56
CA SER A 306 7.96 -7.41 -2.16
C SER A 306 6.95 -6.26 -2.22
N VAL A 307 6.95 -5.40 -1.20
CA VAL A 307 6.12 -4.20 -1.26
C VAL A 307 6.60 -3.26 -2.38
N ALA A 308 7.92 -3.12 -2.49
CA ALA A 308 8.51 -2.25 -3.50
C ALA A 308 8.13 -2.76 -4.88
N SER A 309 8.25 -4.07 -5.05
CA SER A 309 7.95 -4.71 -6.33
C SER A 309 6.53 -4.39 -6.75
N PHE A 310 5.60 -4.47 -5.81
CA PHE A 310 4.20 -4.20 -6.09
C PHE A 310 3.96 -2.72 -6.43
N LEU A 311 4.60 -1.82 -5.69
CA LEU A 311 4.44 -0.38 -5.94
C LEU A 311 5.05 0.01 -7.29
N LEU A 312 6.06 -0.74 -7.73
CA LEU A 312 6.71 -0.46 -8.99
C LEU A 312 5.97 -1.08 -10.17
N SER A 313 5.02 -1.97 -9.87
CA SER A 313 4.28 -2.65 -10.92
C SER A 313 3.00 -1.89 -11.25
N ARG A 314 2.33 -2.32 -12.30
CA ARG A 314 1.08 -1.70 -12.71
C ARG A 314 -0.11 -2.17 -11.87
N GLU A 315 0.11 -3.16 -11.01
CA GLU A 315 -0.90 -3.58 -10.06
C GLU A 315 -1.27 -2.44 -9.10
N SER A 316 -0.35 -1.49 -8.95
CA SER A 316 -0.61 -0.32 -8.11
C SER A 316 -0.85 0.98 -8.90
N ARG A 317 -1.35 0.87 -10.12
CA ARG A 317 -1.54 2.03 -11.00
C ARG A 317 -2.35 3.19 -10.40
N ALA A 318 -3.19 2.92 -9.41
CA ALA A 318 -4.02 3.98 -8.82
C ALA A 318 -3.47 4.51 -7.49
N ILE A 319 -2.25 4.11 -7.16
CA ILE A 319 -1.60 4.59 -5.93
C ILE A 319 -0.44 5.52 -6.24
N THR A 320 -0.53 6.76 -5.79
CA THR A 320 0.59 7.67 -5.95
C THR A 320 0.59 8.77 -4.89
N GLY A 321 1.78 9.27 -4.58
CA GLY A 321 1.94 10.31 -3.56
C GLY A 321 1.89 9.80 -2.13
N GLN A 322 1.91 8.49 -1.95
CA GLN A 322 1.69 7.89 -0.63
C GLN A 322 2.97 7.51 0.13
N THR A 323 2.88 7.55 1.46
CA THR A 323 3.87 6.93 2.31
C THR A 323 3.30 5.60 2.79
N ILE A 324 3.94 4.50 2.41
CA ILE A 324 3.43 3.18 2.71
C ILE A 324 4.30 2.53 3.77
N TYR A 325 3.72 2.18 4.91
CA TYR A 325 4.46 1.65 6.04
C TYR A 325 4.69 0.15 5.94
N VAL A 326 5.96 -0.26 5.94
CA VAL A 326 6.32 -1.67 5.93
C VAL A 326 7.23 -1.90 7.13
N ASP A 327 6.63 -2.18 8.28
CA ASP A 327 7.32 -2.08 9.56
C ASP A 327 6.66 -2.97 10.59
N ASN A 328 5.99 -4.02 10.12
CA ASN A 328 5.24 -4.92 10.99
C ASN A 328 4.12 -4.25 11.80
N GLY A 329 3.75 -3.03 11.39
CA GLY A 329 2.67 -2.28 12.01
C GLY A 329 3.11 -1.48 13.23
N LEU A 330 4.42 -1.43 13.48
CA LEU A 330 4.91 -0.71 14.66
C LEU A 330 4.39 0.73 14.72
N ASN A 331 4.30 1.40 13.58
CA ASN A 331 3.83 2.79 13.51
C ASN A 331 2.48 3.07 14.18
N ILE A 332 1.61 2.06 14.25
CA ILE A 332 0.25 2.27 14.77
C ILE A 332 0.15 2.38 16.30
N MET A 333 1.21 1.98 17.00
CA MET A 333 1.19 1.90 18.47
C MET A 333 1.44 3.26 19.12
N PHE A 334 0.82 3.49 20.27
CA PHE A 334 1.11 4.67 21.07
C PHE A 334 2.02 4.28 22.24
N LEU A 335 1.45 3.61 23.23
CA LEU A 335 2.21 3.19 24.40
C LEU A 335 2.56 1.71 24.35
N PRO A 336 3.76 1.36 24.83
CA PRO A 336 4.11 -0.06 25.04
C PRO A 336 3.04 -0.75 25.89
N ASP A 337 2.81 -2.04 25.64
CA ASP A 337 1.75 -2.78 26.30
C ASP A 337 2.24 -3.56 27.52
N ASP B 11 -5.97 -21.24 -1.10
CA ASP B 11 -6.37 -19.82 -1.00
C ASP B 11 -7.87 -19.64 -1.20
N ILE B 12 -8.58 -19.38 -0.10
CA ILE B 12 -10.00 -19.09 -0.18
C ILE B 12 -10.33 -17.75 0.46
N CYS B 13 -11.08 -16.94 -0.26
CA CYS B 13 -11.50 -15.63 0.24
C CYS B 13 -13.02 -15.53 0.37
N PHE B 14 -13.48 -15.10 1.54
CA PHE B 14 -14.88 -14.74 1.74
C PHE B 14 -15.04 -13.25 1.48
N ILE B 15 -15.93 -12.91 0.56
CA ILE B 15 -16.22 -11.53 0.22
C ILE B 15 -17.58 -11.14 0.78
N ALA B 16 -17.57 -10.34 1.84
CA ALA B 16 -18.80 -9.93 2.50
C ALA B 16 -19.26 -8.58 1.97
N GLY B 17 -20.27 -8.59 1.10
CA GLY B 17 -20.86 -7.35 0.61
C GLY B 17 -20.78 -7.12 -0.88
N ILE B 18 -21.39 -8.02 -1.63
CA ILE B 18 -21.49 -7.85 -3.07
C ILE B 18 -22.96 -8.04 -3.47
N GLY B 19 -23.45 -7.21 -4.38
CA GLY B 19 -24.85 -7.22 -4.74
C GLY B 19 -25.06 -7.09 -6.24
N ASP B 20 -23.97 -6.90 -6.96
CA ASP B 20 -23.98 -6.81 -8.42
C ASP B 20 -22.55 -6.66 -8.89
N THR B 21 -22.36 -6.40 -10.18
CA THR B 21 -21.03 -6.32 -10.76
C THR B 21 -20.50 -4.87 -10.90
N ASN B 22 -21.21 -3.92 -10.30
CA ASN B 22 -20.86 -2.52 -10.46
C ASN B 22 -20.11 -1.89 -9.28
N GLY B 23 -19.78 -2.70 -8.28
CA GLY B 23 -19.14 -2.19 -7.08
C GLY B 23 -17.71 -2.69 -6.89
N TYR B 24 -17.12 -2.38 -5.75
CA TYR B 24 -15.75 -2.79 -5.48
C TYR B 24 -15.62 -4.28 -5.18
N GLY B 25 -16.65 -4.86 -4.56
CA GLY B 25 -16.64 -6.28 -4.26
C GLY B 25 -16.38 -7.13 -5.50
N TRP B 26 -17.06 -6.79 -6.59
CA TRP B 26 -16.91 -7.54 -7.83
C TRP B 26 -15.51 -7.36 -8.41
N GLY B 27 -15.03 -6.12 -8.42
CA GLY B 27 -13.68 -5.83 -8.88
C GLY B 27 -12.64 -6.58 -8.08
N ILE B 28 -12.86 -6.71 -6.78
CA ILE B 28 -11.97 -7.48 -5.93
C ILE B 28 -12.03 -8.97 -6.26
N ALA B 29 -13.23 -9.49 -6.42
CA ALA B 29 -13.43 -10.88 -6.83
C ALA B 29 -12.66 -11.19 -8.11
N LYS B 30 -12.87 -10.35 -9.11
CA LYS B 30 -12.24 -10.49 -10.40
C LYS B 30 -10.72 -10.63 -10.27
N GLU B 31 -10.09 -9.69 -9.55
CA GLU B 31 -8.64 -9.67 -9.40
C GLU B 31 -8.08 -10.86 -8.60
N LEU B 32 -8.80 -11.29 -7.58
CA LEU B 32 -8.40 -12.45 -6.81
C LEU B 32 -8.46 -13.73 -7.65
N SER B 33 -9.44 -13.81 -8.55
CA SER B 33 -9.56 -14.95 -9.47
C SER B 33 -8.30 -15.08 -10.32
N LYS B 34 -7.75 -13.95 -10.74
CA LYS B 34 -6.54 -13.95 -11.57
C LYS B 34 -5.39 -14.67 -10.89
N ARG B 35 -5.33 -14.61 -9.55
CA ARG B 35 -4.27 -15.27 -8.81
C ARG B 35 -4.72 -16.65 -8.35
N ASN B 36 -5.82 -17.13 -8.94
CA ASN B 36 -6.35 -18.47 -8.66
C ASN B 36 -6.89 -18.62 -7.23
N VAL B 37 -7.46 -17.55 -6.70
CA VAL B 37 -8.06 -17.58 -5.37
C VAL B 37 -9.51 -18.07 -5.45
N LYS B 38 -9.91 -18.94 -4.52
CA LYS B 38 -11.29 -19.41 -4.44
C LYS B 38 -12.16 -18.36 -3.75
N ILE B 39 -13.21 -17.92 -4.44
CA ILE B 39 -14.08 -16.85 -3.95
C ILE B 39 -15.42 -17.37 -3.42
N ILE B 40 -15.80 -16.91 -2.23
CA ILE B 40 -17.12 -17.18 -1.67
C ILE B 40 -17.83 -15.85 -1.49
N PHE B 41 -18.98 -15.66 -2.13
CA PHE B 41 -19.76 -14.44 -1.98
C PHE B 41 -20.71 -14.51 -0.79
N GLY B 42 -20.71 -13.44 0.01
CA GLY B 42 -21.72 -13.24 1.04
C GLY B 42 -22.64 -12.13 0.55
N ILE B 43 -23.93 -12.44 0.43
CA ILE B 43 -24.85 -11.55 -0.26
C ILE B 43 -26.03 -11.14 0.62
N TRP B 44 -26.28 -9.85 0.69
CA TRP B 44 -27.35 -9.30 1.52
C TRP B 44 -28.70 -9.83 1.03
N PRO B 45 -29.49 -10.41 1.92
CA PRO B 45 -30.73 -11.08 1.52
C PRO B 45 -31.71 -10.23 0.70
N PRO B 46 -31.79 -8.92 0.96
CA PRO B 46 -32.66 -8.13 0.09
C PRO B 46 -32.33 -8.27 -1.40
N VAL B 47 -31.06 -8.43 -1.75
CA VAL B 47 -30.66 -8.56 -3.17
C VAL B 47 -30.16 -9.96 -3.53
N TYR B 48 -30.35 -10.92 -2.63
CA TYR B 48 -29.82 -12.27 -2.82
C TYR B 48 -30.42 -13.00 -4.03
N ASN B 49 -31.75 -13.06 -4.08
CA ASN B 49 -32.44 -13.76 -5.17
C ASN B 49 -32.13 -13.20 -6.56
N ILE B 50 -32.25 -11.88 -6.72
CA ILE B 50 -32.00 -11.28 -8.03
C ILE B 50 -30.56 -11.51 -8.49
N PHE B 51 -29.62 -11.46 -7.55
CA PHE B 51 -28.22 -11.70 -7.88
C PHE B 51 -28.04 -13.14 -8.38
N MET B 52 -28.66 -14.09 -7.70
CA MET B 52 -28.64 -15.49 -8.12
C MET B 52 -29.21 -15.62 -9.52
N LYS B 53 -30.42 -15.10 -9.71
CA LYS B 53 -31.14 -15.18 -10.98
C LYS B 53 -30.31 -14.67 -12.14
N ASN B 54 -29.61 -13.56 -11.93
CA ASN B 54 -28.79 -12.97 -12.96
C ASN B 54 -27.55 -13.81 -13.25
N TYR B 55 -27.07 -14.50 -12.24
CA TYR B 55 -25.92 -15.38 -12.38
C TYR B 55 -26.23 -16.55 -13.32
N LYS B 56 -27.30 -17.29 -13.01
CA LYS B 56 -27.66 -18.44 -13.83
C LYS B 56 -28.20 -18.04 -15.20
N ASN B 57 -28.85 -16.87 -15.26
CA ASN B 57 -29.33 -16.35 -16.53
C ASN B 57 -28.21 -15.64 -17.30
N GLY B 58 -26.98 -15.88 -16.89
CA GLY B 58 -25.79 -15.47 -17.61
C GLY B 58 -25.59 -13.98 -17.82
N LYS B 59 -26.25 -13.15 -17.02
CA LYS B 59 -26.11 -11.70 -17.14
C LYS B 59 -24.66 -11.28 -16.85
N PHE B 60 -24.06 -11.89 -15.83
CA PHE B 60 -22.73 -11.51 -15.39
C PHE B 60 -21.63 -12.16 -16.22
N ASP B 61 -22.02 -12.96 -17.22
CA ASP B 61 -21.05 -13.69 -18.04
C ASP B 61 -20.06 -12.76 -18.74
N ASN B 62 -20.55 -11.62 -19.23
CA ASN B 62 -19.70 -10.62 -19.85
C ASN B 62 -18.76 -10.00 -18.83
N ASP B 63 -19.21 -9.94 -17.58
CA ASP B 63 -18.47 -9.29 -16.50
C ASP B 63 -17.40 -10.20 -15.89
N MET B 64 -17.51 -11.51 -16.09
CA MET B 64 -16.58 -12.46 -15.49
C MET B 64 -15.42 -12.83 -16.41
N ILE B 65 -15.13 -11.96 -17.37
CA ILE B 65 -14.10 -12.23 -18.36
C ILE B 65 -12.72 -11.81 -17.89
N LYS B 71 -12.22 -16.56 -16.76
CA LYS B 71 -13.49 -16.86 -16.12
C LYS B 71 -13.31 -16.98 -14.61
N MET B 72 -14.20 -16.32 -13.86
CA MET B 72 -14.12 -16.32 -12.40
C MET B 72 -14.38 -17.70 -11.78
N ASN B 73 -13.83 -17.92 -10.59
CA ASN B 73 -13.96 -19.19 -9.87
C ASN B 73 -14.83 -19.04 -8.63
N ILE B 74 -16.14 -18.94 -8.82
CA ILE B 74 -17.04 -18.70 -7.70
C ILE B 74 -17.40 -19.99 -6.95
N LEU B 75 -16.71 -20.23 -5.86
CA LEU B 75 -16.88 -21.41 -5.04
C LEU B 75 -18.31 -21.55 -4.49
N ASP B 76 -18.94 -20.42 -4.17
CA ASP B 76 -20.22 -20.44 -3.48
C ASP B 76 -20.83 -19.05 -3.34
N MET B 77 -22.14 -19.02 -3.12
CA MET B 77 -22.88 -17.77 -2.92
C MET B 77 -23.89 -17.95 -1.79
N LEU B 78 -23.67 -17.24 -0.68
CA LEU B 78 -24.45 -17.45 0.54
C LEU B 78 -25.21 -16.18 0.95
N PRO B 79 -26.37 -16.37 1.59
CA PRO B 79 -27.08 -15.23 2.16
C PRO B 79 -26.29 -14.73 3.35
N PHE B 80 -26.14 -13.41 3.47
CA PHE B 80 -25.34 -12.87 4.55
C PHE B 80 -25.81 -11.48 4.96
N ASP B 81 -26.13 -11.33 6.24
CA ASP B 81 -26.52 -10.04 6.77
C ASP B 81 -25.65 -9.70 7.96
N ALA B 82 -24.82 -8.67 7.78
CA ALA B 82 -23.85 -8.26 8.80
C ALA B 82 -24.46 -7.48 9.96
N SER B 83 -25.77 -7.32 9.96
CA SER B 83 -26.48 -6.70 11.08
C SER B 83 -26.60 -7.68 12.23
N PHE B 84 -26.52 -8.96 11.90
CA PHE B 84 -26.77 -10.00 12.90
C PHE B 84 -25.51 -10.80 13.25
N ASP B 85 -25.17 -10.80 14.53
CA ASP B 85 -23.99 -11.51 14.98
C ASP B 85 -24.26 -13.01 15.11
N THR B 86 -25.41 -13.36 15.70
CA THR B 86 -25.81 -14.76 15.82
C THR B 86 -27.30 -14.89 15.52
N ALA B 87 -27.76 -16.13 15.37
CA ALA B 87 -29.18 -16.40 15.12
C ALA B 87 -30.07 -15.77 16.18
N ASN B 88 -29.57 -15.73 17.42
CA ASN B 88 -30.35 -15.13 18.48
C ASN B 88 -30.56 -13.63 18.30
N ASP B 89 -29.77 -13.01 17.43
CA ASP B 89 -29.87 -11.57 17.18
C ASP B 89 -30.97 -11.24 16.17
N ILE B 90 -31.38 -12.22 15.38
CA ILE B 90 -32.41 -11.96 14.38
C ILE B 90 -33.76 -11.66 15.05
N ASP B 91 -34.28 -10.46 14.81
CA ASP B 91 -35.58 -10.06 15.33
C ASP B 91 -36.68 -10.82 14.60
N GLU B 92 -37.81 -10.99 15.27
CA GLU B 92 -38.91 -11.79 14.72
C GLU B 92 -39.39 -11.28 13.36
N GLU B 93 -39.50 -9.97 13.22
CA GLU B 93 -39.98 -9.39 11.97
C GLU B 93 -39.08 -9.74 10.79
N THR B 94 -37.79 -9.49 10.94
CA THR B 94 -36.81 -9.85 9.92
C THR B 94 -36.86 -11.34 9.62
N LYS B 95 -36.89 -12.13 10.68
CA LYS B 95 -36.96 -13.59 10.59
C LYS B 95 -38.11 -13.99 9.67
N ASN B 96 -39.21 -13.26 9.79
CA ASN B 96 -40.43 -13.58 9.07
C ASN B 96 -40.59 -12.81 7.76
N ASN B 97 -39.70 -11.86 7.51
CA ASN B 97 -39.80 -11.01 6.32
C ASN B 97 -39.79 -11.82 5.02
N LYS B 98 -40.53 -11.31 4.04
CA LYS B 98 -40.67 -11.93 2.72
C LYS B 98 -39.34 -12.39 2.11
N ARG B 99 -38.29 -11.61 2.35
CA ARG B 99 -37.03 -11.81 1.65
C ARG B 99 -36.01 -12.63 2.46
N TYR B 100 -36.24 -12.75 3.77
CA TYR B 100 -35.40 -13.56 4.63
C TYR B 100 -36.07 -14.90 4.92
N ASN B 101 -37.23 -15.08 4.32
CA ASN B 101 -38.26 -15.99 4.82
C ASN B 101 -37.90 -17.33 5.52
N MET B 102 -37.40 -18.40 4.90
CA MET B 102 -37.03 -18.66 3.48
C MET B 102 -35.52 -18.77 3.21
N LEU B 103 -34.72 -18.23 4.12
CA LEU B 103 -33.26 -18.31 4.04
C LEU B 103 -32.74 -18.74 5.40
N GLN B 104 -31.55 -19.34 5.44
CA GLN B 104 -30.99 -19.73 6.73
C GLN B 104 -29.51 -19.38 6.87
N ASN B 105 -28.99 -19.51 8.09
CA ASN B 105 -27.56 -19.40 8.35
C ASN B 105 -26.91 -18.17 7.74
N TYR B 106 -27.54 -17.00 7.90
CA TYR B 106 -27.06 -15.79 7.26
C TYR B 106 -26.50 -14.78 8.26
N THR B 107 -26.48 -15.15 9.54
CA THR B 107 -25.84 -14.30 10.52
C THR B 107 -24.33 -14.44 10.37
N ILE B 108 -23.59 -13.68 11.17
CA ILE B 108 -22.14 -13.70 11.09
C ILE B 108 -21.56 -15.02 11.64
N GLU B 109 -21.95 -15.40 12.85
CA GLU B 109 -21.56 -16.69 13.41
C GLU B 109 -21.94 -17.85 12.47
N ASP B 110 -23.13 -17.79 11.91
CA ASP B 110 -23.64 -18.87 11.06
C ASP B 110 -22.87 -19.04 9.75
N VAL B 111 -22.50 -17.95 9.09
CA VAL B 111 -21.77 -18.09 7.83
C VAL B 111 -20.35 -18.58 8.10
N ALA B 112 -19.77 -18.13 9.21
CA ALA B 112 -18.47 -18.63 9.64
C ALA B 112 -18.53 -20.15 9.72
N ASN B 113 -19.40 -20.65 10.61
CA ASN B 113 -19.59 -22.10 10.76
C ASN B 113 -19.85 -22.83 9.45
N LEU B 114 -20.84 -22.37 8.70
CA LEU B 114 -21.16 -22.96 7.41
C LEU B 114 -19.93 -23.05 6.50
N ILE B 115 -19.23 -21.93 6.32
CA ILE B 115 -18.04 -21.92 5.47
C ILE B 115 -16.98 -22.91 5.97
N HIS B 116 -16.83 -23.00 7.28
CA HIS B 116 -15.83 -23.90 7.84
C HIS B 116 -16.19 -25.36 7.60
N GLN B 117 -17.47 -25.69 7.72
CA GLN B 117 -17.93 -27.05 7.49
C GLN B 117 -17.74 -27.46 6.03
N LYS B 118 -18.22 -26.63 5.11
CA LYS B 118 -18.10 -26.93 3.69
C LYS B 118 -16.64 -27.01 3.22
N TYR B 119 -15.80 -26.07 3.66
CA TYR B 119 -14.49 -25.86 3.03
C TYR B 119 -13.28 -25.87 3.95
N GLY B 120 -13.50 -25.97 5.25
CA GLY B 120 -12.41 -25.88 6.20
C GLY B 120 -12.05 -24.44 6.52
N LYS B 121 -10.78 -24.20 6.86
CA LYS B 121 -10.31 -22.86 7.19
C LYS B 121 -9.97 -22.06 5.93
N ILE B 122 -10.17 -20.75 6.00
CA ILE B 122 -9.85 -19.88 4.88
C ILE B 122 -8.68 -18.99 5.29
N ASN B 123 -8.20 -18.18 4.37
CA ASN B 123 -7.05 -17.34 4.67
C ASN B 123 -7.22 -15.90 4.22
N MET B 124 -8.38 -15.58 3.67
CA MET B 124 -8.64 -14.25 3.18
C MET B 124 -10.06 -13.82 3.52
N LEU B 125 -10.20 -12.55 3.91
CA LEU B 125 -11.50 -11.98 4.25
C LEU B 125 -11.61 -10.54 3.75
N VAL B 126 -12.71 -10.24 3.07
CA VAL B 126 -12.97 -8.90 2.56
C VAL B 126 -14.28 -8.35 3.14
N HIS B 127 -14.18 -7.24 3.86
CA HIS B 127 -15.34 -6.48 4.31
C HIS B 127 -15.57 -5.39 3.27
N SER B 128 -16.66 -5.51 2.51
CA SER B 128 -16.91 -4.64 1.39
C SER B 128 -18.34 -4.14 1.43
N LEU B 129 -18.76 -3.65 2.59
CA LEU B 129 -20.12 -3.21 2.75
C LEU B 129 -20.22 -2.01 3.67
N ALA B 130 -21.36 -1.34 3.59
CA ALA B 130 -21.62 -0.13 4.35
C ALA B 130 -23.10 0.14 4.18
N ASN B 131 -23.68 0.81 5.16
CA ASN B 131 -25.08 1.14 5.07
C ASN B 131 -25.41 2.15 6.13
N ALA B 132 -26.30 3.07 5.78
CA ALA B 132 -26.73 4.11 6.69
C ALA B 132 -28.10 4.58 6.23
N LYS B 133 -29.10 4.42 7.08
CA LYS B 133 -30.46 4.81 6.73
C LYS B 133 -30.61 6.28 6.36
N GLU B 134 -29.81 7.14 6.99
CA GLU B 134 -29.96 8.59 6.84
C GLU B 134 -28.78 9.24 6.12
N VAL B 135 -28.17 8.51 5.21
CA VAL B 135 -27.00 9.02 4.48
C VAL B 135 -27.31 10.34 3.78
N GLN B 136 -28.59 10.55 3.47
CA GLN B 136 -29.01 11.73 2.71
C GLN B 136 -29.08 12.97 3.57
N LYS B 137 -29.09 12.78 4.89
CA LYS B 137 -29.11 13.90 5.83
C LYS B 137 -27.68 14.30 6.16
N ASP B 138 -27.45 15.58 6.44
CA ASP B 138 -26.13 15.96 6.90
C ASP B 138 -25.99 15.61 8.38
N LEU B 139 -24.74 15.52 8.85
CA LEU B 139 -24.44 15.01 10.19
C LEU B 139 -25.27 15.67 11.30
N LEU B 140 -25.35 16.99 11.24
CA LEU B 140 -26.03 17.77 12.28
C LEU B 140 -27.49 17.36 12.38
N ASN B 141 -28.06 16.92 11.26
CA ASN B 141 -29.47 16.57 11.18
C ASN B 141 -29.75 15.07 11.26
N THR B 142 -28.73 14.28 11.58
CA THR B 142 -28.89 12.83 11.69
C THR B 142 -29.42 12.49 13.08
N SER B 143 -30.39 11.58 13.15
CA SER B 143 -30.92 11.14 14.45
C SER B 143 -29.94 10.18 15.12
N ARG B 144 -30.15 9.94 16.41
CA ARG B 144 -29.30 9.02 17.15
C ARG B 144 -29.42 7.64 16.51
N LYS B 145 -30.66 7.29 16.20
CA LYS B 145 -30.99 6.00 15.61
C LYS B 145 -30.31 5.81 14.25
N GLY B 146 -30.37 6.82 13.40
CA GLY B 146 -29.72 6.74 12.10
C GLY B 146 -28.20 6.60 12.21
N TYR B 147 -27.62 7.39 13.10
CA TYR B 147 -26.17 7.43 13.35
C TYR B 147 -25.69 6.07 13.85
N LEU B 148 -26.39 5.51 14.83
CA LEU B 148 -26.02 4.21 15.38
C LEU B 148 -26.16 3.09 14.33
N ASP B 149 -27.19 3.20 13.49
CA ASP B 149 -27.36 2.28 12.37
C ASP B 149 -26.13 2.30 11.46
N ALA B 150 -25.64 3.51 11.15
CA ALA B 150 -24.48 3.66 10.28
C ALA B 150 -23.28 2.95 10.90
N LEU B 151 -23.04 3.23 12.17
CA LEU B 151 -21.92 2.60 12.85
C LEU B 151 -22.06 1.09 13.02
N SER B 152 -23.28 0.64 13.32
CA SER B 152 -23.53 -0.79 13.46
C SER B 152 -23.23 -1.55 12.16
N LYS B 153 -23.81 -1.10 11.06
CA LYS B 153 -23.71 -1.82 9.79
C LYS B 153 -22.38 -1.62 9.09
N SER B 154 -21.78 -0.44 9.25
CA SER B 154 -20.56 -0.10 8.50
C SER B 154 -19.27 -0.33 9.28
N SER B 155 -19.35 -0.25 10.60
CA SER B 155 -18.14 -0.32 11.43
C SER B 155 -18.10 -1.53 12.35
N TYR B 156 -19.08 -1.66 13.24
CA TYR B 156 -19.09 -2.80 14.15
C TYR B 156 -19.06 -4.12 13.38
N SER B 157 -19.74 -4.15 12.24
CA SER B 157 -19.82 -5.36 11.42
C SER B 157 -18.42 -5.91 11.11
N LEU B 158 -17.45 -5.02 10.94
CA LEU B 158 -16.07 -5.45 10.70
C LEU B 158 -15.48 -6.14 11.92
N ILE B 159 -15.62 -5.50 13.07
CA ILE B 159 -15.16 -6.07 14.33
C ILE B 159 -15.69 -7.48 14.55
N SER B 160 -16.99 -7.63 14.33
CA SER B 160 -17.67 -8.89 14.59
C SER B 160 -17.31 -9.93 13.53
N LEU B 161 -17.14 -9.45 12.30
CA LEU B 161 -16.69 -10.32 11.22
C LEU B 161 -15.37 -10.96 11.63
N CYS B 162 -14.47 -10.11 12.15
CA CYS B 162 -13.18 -10.57 12.62
C CYS B 162 -13.30 -11.58 13.75
N LYS B 163 -14.12 -11.25 14.74
CA LYS B 163 -14.31 -12.07 15.93
C LYS B 163 -14.66 -13.53 15.57
N TYR B 164 -15.57 -13.69 14.62
CA TYR B 164 -16.05 -15.03 14.27
C TYR B 164 -15.22 -15.73 13.20
N PHE B 165 -14.58 -14.95 12.34
CA PHE B 165 -13.78 -15.55 11.29
C PHE B 165 -12.36 -15.89 11.71
N VAL B 166 -11.86 -15.28 12.78
CA VAL B 166 -10.49 -15.56 13.20
C VAL B 166 -10.32 -17.03 13.56
N ASN B 167 -11.40 -17.66 14.00
CA ASN B 167 -11.35 -19.06 14.38
C ASN B 167 -11.37 -20.02 13.19
N ILE B 168 -11.81 -19.53 12.03
CA ILE B 168 -11.82 -20.37 10.84
C ILE B 168 -10.78 -19.88 9.84
N MET B 169 -9.83 -19.11 10.34
CA MET B 169 -8.74 -18.62 9.49
C MET B 169 -7.40 -19.10 10.02
N LYS B 170 -6.51 -19.45 9.11
CA LYS B 170 -5.18 -19.86 9.48
C LYS B 170 -4.33 -18.65 9.84
N PRO B 171 -3.18 -18.88 10.48
CA PRO B 171 -2.12 -17.89 10.26
C PRO B 171 -1.63 -18.29 8.88
N GLN B 172 -1.09 -17.39 8.07
CA GLN B 172 -0.88 -16.00 8.40
C GLN B 172 -1.86 -15.25 7.49
N SER B 173 -3.15 -15.32 7.82
CA SER B 173 -4.21 -14.82 6.96
C SER B 173 -4.29 -13.30 6.97
N SER B 174 -5.13 -12.78 6.07
CA SER B 174 -5.19 -11.34 5.85
C SER B 174 -6.62 -10.87 5.68
N ILE B 175 -6.90 -9.69 6.24
CA ILE B 175 -8.24 -9.11 6.19
C ILE B 175 -8.18 -7.69 5.63
N ILE B 176 -9.11 -7.34 4.75
CA ILE B 176 -9.21 -5.95 4.32
C ILE B 176 -10.64 -5.44 4.38
N SER B 177 -10.78 -4.13 4.53
CA SER B 177 -12.06 -3.46 4.41
C SER B 177 -11.92 -2.27 3.47
N LEU B 178 -13.03 -1.56 3.24
CA LEU B 178 -13.02 -0.41 2.35
C LEU B 178 -13.48 0.84 3.09
N THR B 179 -12.78 1.94 2.87
CA THR B 179 -13.15 3.17 3.54
C THR B 179 -13.12 4.33 2.56
N TYR B 180 -13.38 5.53 3.06
CA TYR B 180 -13.43 6.72 2.22
C TYR B 180 -12.87 7.93 2.99
N HIS B 181 -12.19 8.81 2.26
CA HIS B 181 -11.44 9.94 2.83
C HIS B 181 -12.32 10.94 3.63
N ALA B 182 -13.64 10.87 3.49
CA ALA B 182 -14.53 11.73 4.28
C ALA B 182 -14.34 11.57 5.79
N SER B 183 -13.75 10.46 6.21
CA SER B 183 -13.40 10.26 7.63
C SER B 183 -12.34 11.28 8.11
N GLN B 184 -11.46 11.67 7.20
CA GLN B 184 -10.30 12.49 7.53
C GLN B 184 -10.48 13.96 7.12
N LYS B 185 -11.20 14.19 6.03
CA LYS B 185 -11.44 15.55 5.55
C LYS B 185 -12.91 15.70 5.16
N VAL B 186 -13.42 16.91 5.28
CA VAL B 186 -14.86 17.13 5.13
C VAL B 186 -15.33 16.98 3.67
N VAL B 187 -16.31 16.10 3.49
CA VAL B 187 -16.97 15.93 2.21
C VAL B 187 -18.46 16.14 2.48
N PRO B 188 -18.95 17.37 2.26
CA PRO B 188 -20.37 17.63 2.50
C PRO B 188 -21.21 16.75 1.59
N GLY B 189 -22.30 16.19 2.12
CA GLY B 189 -23.12 15.28 1.34
C GLY B 189 -22.88 13.82 1.69
N TYR B 190 -21.72 13.52 2.26
CA TYR B 190 -21.44 12.17 2.79
C TYR B 190 -22.03 12.12 4.19
N GLY B 191 -23.36 11.96 4.28
CA GLY B 191 -24.03 12.16 5.55
C GLY B 191 -24.43 10.89 6.29
N GLY B 192 -25.33 11.05 7.25
CA GLY B 192 -25.91 9.94 7.97
C GLY B 192 -24.99 9.30 8.98
N GLY B 193 -23.84 9.92 9.24
CA GLY B 193 -22.84 9.32 10.10
C GLY B 193 -21.92 8.38 9.35
N MET B 194 -22.01 8.38 8.02
CA MET B 194 -21.10 7.58 7.21
C MET B 194 -19.67 8.05 7.38
N SER B 195 -19.47 9.36 7.47
CA SER B 195 -18.15 9.90 7.73
C SER B 195 -17.64 9.35 9.08
N SER B 196 -18.51 9.40 10.08
CA SER B 196 -18.20 8.92 11.41
C SER B 196 -17.88 7.44 11.39
N ALA B 197 -18.67 6.69 10.62
CA ALA B 197 -18.45 5.25 10.53
C ALA B 197 -17.10 4.91 9.89
N LYS B 198 -16.68 5.68 8.89
CA LYS B 198 -15.40 5.43 8.23
C LYS B 198 -14.22 5.80 9.15
N ALA B 199 -14.40 6.84 9.95
CA ALA B 199 -13.39 7.25 10.91
C ALA B 199 -13.20 6.19 11.98
N ALA B 200 -14.31 5.62 12.46
CA ALA B 200 -14.26 4.58 13.47
C ALA B 200 -13.64 3.31 12.90
N LEU B 201 -14.00 3.00 11.66
CA LEU B 201 -13.47 1.83 10.99
C LEU B 201 -11.95 1.91 10.76
N GLU B 202 -11.46 3.11 10.45
CA GLU B 202 -10.03 3.30 10.22
C GLU B 202 -9.26 3.18 11.54
N SER B 203 -9.87 3.71 12.61
CA SER B 203 -9.33 3.54 13.96
C SER B 203 -9.38 2.07 14.40
N ASP B 204 -10.51 1.41 14.17
CA ASP B 204 -10.69 0.02 14.60
C ASP B 204 -9.71 -0.87 13.85
N THR B 205 -9.36 -0.49 12.62
CA THR B 205 -8.40 -1.27 11.83
C THR B 205 -7.04 -1.36 12.55
N ARG B 206 -6.57 -0.25 13.12
CA ARG B 206 -5.37 -0.24 13.95
C ARG B 206 -5.49 -1.14 15.19
N VAL B 207 -6.52 -0.89 15.99
CA VAL B 207 -6.73 -1.66 17.23
C VAL B 207 -6.85 -3.16 16.95
N LEU B 208 -7.65 -3.52 15.95
CA LEU B 208 -7.73 -4.89 15.49
C LEU B 208 -6.37 -5.43 15.00
N ALA B 209 -5.60 -4.61 14.28
CA ALA B 209 -4.33 -5.09 13.76
C ALA B 209 -3.42 -5.50 14.91
N TYR B 210 -3.53 -4.79 16.03
CA TYR B 210 -2.74 -5.12 17.21
C TYR B 210 -3.12 -6.47 17.82
N HIS B 211 -4.40 -6.65 18.13
CA HIS B 211 -4.88 -7.89 18.74
C HIS B 211 -4.73 -9.07 17.80
N LEU B 212 -5.08 -8.88 16.53
CA LEU B 212 -5.02 -9.96 15.56
C LEU B 212 -3.59 -10.37 15.23
N GLY B 213 -2.70 -9.38 15.21
CA GLY B 213 -1.31 -9.64 14.92
C GLY B 213 -0.65 -10.40 16.06
N ARG B 214 -0.88 -9.92 17.27
CA ARG B 214 -0.25 -10.49 18.47
C ARG B 214 -0.71 -11.91 18.74
N ASN B 215 -2.02 -12.09 18.75
CA ASN B 215 -2.64 -13.32 19.21
C ASN B 215 -2.81 -14.36 18.11
N TYR B 216 -2.84 -13.90 16.86
CA TYR B 216 -3.24 -14.76 15.76
C TYR B 216 -2.30 -14.70 14.59
N ASN B 217 -1.34 -13.78 14.63
CA ASN B 217 -0.51 -13.55 13.46
C ASN B 217 -1.38 -13.31 12.20
N ILE B 218 -2.50 -12.63 12.39
CA ILE B 218 -3.37 -12.29 11.26
C ILE B 218 -3.29 -10.79 10.97
N ARG B 219 -3.31 -10.43 9.70
CA ARG B 219 -3.16 -9.03 9.31
C ARG B 219 -4.51 -8.41 8.96
N ILE B 220 -4.61 -7.11 9.17
CA ILE B 220 -5.80 -6.37 8.76
C ILE B 220 -5.40 -4.96 8.33
N ASN B 221 -5.91 -4.55 7.18
CA ASN B 221 -5.68 -3.21 6.63
C ASN B 221 -6.99 -2.72 6.02
N THR B 222 -7.04 -1.45 5.61
CA THR B 222 -8.23 -0.94 4.95
C THR B 222 -7.85 -0.11 3.73
N ILE B 223 -8.65 -0.20 2.67
CA ILE B 223 -8.37 0.55 1.45
C ILE B 223 -9.28 1.76 1.33
N SER B 224 -8.69 2.95 1.31
CA SER B 224 -9.48 4.17 1.10
C SER B 224 -9.60 4.43 -0.41
N ALA B 225 -10.76 4.09 -0.96
CA ALA B 225 -10.95 4.11 -2.41
C ALA B 225 -11.46 5.46 -2.88
N GLY B 226 -11.21 5.77 -4.14
CA GLY B 226 -11.79 6.94 -4.76
C GLY B 226 -13.21 6.65 -5.24
N PRO B 227 -13.83 7.60 -5.94
CA PRO B 227 -15.25 7.44 -6.30
C PRO B 227 -15.48 6.42 -7.40
N LEU B 228 -16.54 5.64 -7.26
CA LEU B 228 -16.93 4.66 -8.25
C LEU B 228 -18.46 4.65 -8.27
N LYS B 229 -19.06 4.65 -9.46
CA LYS B 229 -20.52 4.72 -9.56
C LYS B 229 -21.18 3.37 -9.29
N SER B 230 -21.38 3.06 -8.01
CA SER B 230 -21.94 1.78 -7.60
C SER B 230 -23.39 1.98 -7.19
N ARG B 231 -24.04 0.89 -6.78
CA ARG B 231 -25.39 0.96 -6.25
C ARG B 231 -25.42 1.91 -5.07
N ALA B 232 -24.60 1.61 -4.07
CA ALA B 232 -24.50 2.43 -2.87
C ALA B 232 -24.24 3.91 -3.16
N ALA B 233 -23.34 4.18 -4.10
CA ALA B 233 -22.94 5.56 -4.40
C ALA B 233 -24.11 6.42 -4.91
N THR B 234 -25.06 5.78 -5.59
CA THR B 234 -26.23 6.47 -6.12
C THR B 234 -27.28 6.69 -5.04
N ALA B 235 -27.23 5.88 -3.98
CA ALA B 235 -28.15 6.02 -2.86
C ALA B 235 -28.08 7.44 -2.28
N ILE B 236 -26.91 8.05 -2.37
CA ILE B 236 -26.72 9.44 -1.96
C ILE B 236 -27.41 10.38 -2.95
N ASN B 237 -28.19 11.33 -2.43
CA ASN B 237 -29.10 12.13 -3.26
C ASN B 237 -28.38 12.84 -4.41
N THR B 280 -26.14 12.16 -8.24
CA THR B 280 -25.33 13.21 -8.84
C THR B 280 -24.14 13.59 -7.94
N PHE B 281 -24.25 13.27 -6.66
CA PHE B 281 -23.10 13.45 -5.78
C PHE B 281 -21.93 12.60 -6.29
N ILE B 282 -22.21 11.34 -6.61
CA ILE B 282 -21.16 10.47 -7.12
C ILE B 282 -20.65 10.92 -8.49
N ASP B 283 -21.55 11.43 -9.33
CA ASP B 283 -21.17 11.91 -10.66
C ASP B 283 -20.22 13.09 -10.54
N TYR B 284 -20.53 13.99 -9.62
CA TYR B 284 -19.67 15.14 -9.35
C TYR B 284 -18.34 14.66 -8.77
N ALA B 285 -18.42 13.76 -7.78
CA ALA B 285 -17.24 13.16 -7.18
C ALA B 285 -16.31 12.59 -8.26
N ILE B 286 -16.86 11.72 -9.10
CA ILE B 286 -16.10 11.09 -10.15
C ILE B 286 -15.49 12.11 -11.10
N GLU B 287 -16.29 13.09 -11.48
CA GLU B 287 -15.88 14.08 -12.45
C GLU B 287 -14.79 14.98 -11.87
N TYR B 288 -14.93 15.31 -10.59
CA TYR B 288 -13.97 16.16 -9.90
C TYR B 288 -12.63 15.42 -9.77
N SER B 289 -12.70 14.15 -9.42
CA SER B 289 -11.51 13.32 -9.27
C SER B 289 -10.74 13.16 -10.60
N GLU B 290 -11.48 12.86 -11.67
CA GLU B 290 -10.88 12.72 -12.98
C GLU B 290 -10.27 14.02 -13.50
N LYS B 291 -10.75 15.14 -12.99
CA LYS B 291 -10.19 16.44 -13.37
C LYS B 291 -8.99 16.86 -12.51
N TYR B 292 -9.05 16.60 -11.21
CA TYR B 292 -8.05 17.14 -10.28
C TYR B 292 -7.05 16.16 -9.68
N ALA B 293 -7.34 14.85 -9.74
CA ALA B 293 -6.41 13.86 -9.21
C ALA B 293 -5.08 13.94 -9.96
N PRO B 294 -3.97 13.68 -9.25
CA PRO B 294 -2.65 13.65 -9.89
C PRO B 294 -2.64 12.72 -11.10
N LEU B 295 -3.35 11.60 -11.00
CA LEU B 295 -3.45 10.65 -12.11
C LEU B 295 -4.82 10.80 -12.75
N ARG B 296 -4.86 11.05 -14.05
CA ARG B 296 -6.13 11.42 -14.66
C ARG B 296 -6.85 10.28 -15.37
N GLN B 297 -6.26 9.09 -15.36
CA GLN B 297 -6.94 7.88 -15.77
C GLN B 297 -8.26 7.71 -15.01
N LYS B 298 -9.20 6.97 -15.60
CA LYS B 298 -10.46 6.68 -14.91
C LYS B 298 -10.23 5.58 -13.87
N LEU B 299 -10.77 5.77 -12.66
CA LEU B 299 -10.56 4.82 -11.58
C LEU B 299 -11.50 3.63 -11.74
N LEU B 300 -10.93 2.43 -11.84
CA LEU B 300 -11.72 1.22 -12.05
C LEU B 300 -11.84 0.41 -10.77
N SER B 301 -12.87 -0.43 -10.69
CA SER B 301 -13.04 -1.27 -9.51
C SER B 301 -11.95 -2.32 -9.43
N THR B 302 -11.32 -2.63 -10.56
CA THR B 302 -10.21 -3.58 -10.58
C THR B 302 -8.88 -2.93 -10.18
N ASP B 303 -8.84 -1.59 -10.14
CA ASP B 303 -7.69 -0.86 -9.61
C ASP B 303 -7.60 -1.11 -8.10
N ILE B 304 -8.74 -1.01 -7.44
CA ILE B 304 -8.85 -1.36 -6.03
C ILE B 304 -8.61 -2.86 -5.86
N GLY B 305 -9.19 -3.65 -6.77
CA GLY B 305 -9.09 -5.11 -6.71
C GLY B 305 -7.69 -5.66 -6.70
N SER B 306 -6.83 -5.14 -7.56
CA SER B 306 -5.45 -5.61 -7.58
C SER B 306 -4.70 -5.17 -6.32
N VAL B 307 -5.09 -4.02 -5.74
CA VAL B 307 -4.50 -3.59 -4.48
C VAL B 307 -5.00 -4.49 -3.33
N ALA B 308 -6.27 -4.83 -3.37
CA ALA B 308 -6.85 -5.76 -2.40
C ALA B 308 -6.14 -7.11 -2.48
N SER B 309 -5.89 -7.56 -3.70
CA SER B 309 -5.23 -8.84 -3.92
C SER B 309 -3.83 -8.85 -3.30
N PHE B 310 -3.08 -7.77 -3.54
CA PHE B 310 -1.78 -7.60 -2.93
C PHE B 310 -1.84 -7.61 -1.39
N LEU B 311 -2.77 -6.85 -0.82
CA LEU B 311 -2.86 -6.76 0.64
C LEU B 311 -3.23 -8.11 1.27
N LEU B 312 -4.02 -8.89 0.55
CA LEU B 312 -4.47 -10.18 1.04
C LEU B 312 -3.40 -11.25 0.91
N SER B 313 -2.48 -11.04 -0.03
CA SER B 313 -1.42 -12.02 -0.30
C SER B 313 -0.24 -11.89 0.66
N ARG B 314 0.64 -12.87 0.62
CA ARG B 314 1.83 -12.90 1.48
C ARG B 314 2.88 -11.86 1.09
N GLU B 315 2.73 -11.27 -0.09
CA GLU B 315 3.64 -10.20 -0.51
C GLU B 315 3.57 -8.97 0.41
N SER B 316 2.47 -8.82 1.13
CA SER B 316 2.30 -7.67 2.03
C SER B 316 2.45 -8.06 3.50
N ARG B 317 3.16 -9.17 3.76
CA ARG B 317 3.26 -9.74 5.09
C ARG B 317 3.72 -8.77 6.19
N ALA B 318 4.43 -7.70 5.84
CA ALA B 318 4.87 -6.73 6.84
C ALA B 318 4.00 -5.47 6.96
N ILE B 319 2.84 -5.46 6.32
CA ILE B 319 1.93 -4.32 6.39
C ILE B 319 0.68 -4.67 7.21
N THR B 320 0.42 -3.89 8.25
CA THR B 320 -0.81 -4.10 8.99
C THR B 320 -1.26 -2.84 9.73
N GLY B 321 -2.57 -2.75 9.97
CA GLY B 321 -3.16 -1.62 10.66
C GLY B 321 -3.28 -0.37 9.80
N GLN B 322 -3.03 -0.50 8.50
CA GLN B 322 -2.89 0.67 7.62
C GLN B 322 -4.13 1.06 6.83
N THR B 323 -4.26 2.36 6.57
CA THR B 323 -5.22 2.90 5.61
C THR B 323 -4.46 3.20 4.32
N ILE B 324 -4.67 2.39 3.29
CA ILE B 324 -3.99 2.56 2.00
C ILE B 324 -4.91 3.20 0.96
N TYR B 325 -4.48 4.35 0.44
CA TYR B 325 -5.28 5.11 -0.52
C TYR B 325 -5.10 4.61 -1.93
N VAL B 326 -6.22 4.22 -2.55
CA VAL B 326 -6.23 3.83 -3.95
C VAL B 326 -7.25 4.73 -4.64
N ASP B 327 -6.78 5.90 -5.06
CA ASP B 327 -7.70 6.97 -5.45
C ASP B 327 -7.06 7.92 -6.45
N ASN B 328 -6.16 7.38 -7.27
CA ASN B 328 -5.40 8.20 -8.23
C ASN B 328 -4.69 9.39 -7.59
N GLY B 329 -4.49 9.33 -6.27
CA GLY B 329 -3.73 10.35 -5.56
C GLY B 329 -4.49 11.59 -5.10
N LEU B 330 -5.80 11.60 -5.31
CA LEU B 330 -6.61 12.78 -5.02
C LEU B 330 -6.41 13.26 -3.58
N ASN B 331 -6.24 12.31 -2.67
CA ASN B 331 -6.12 12.64 -1.24
C ASN B 331 -4.98 13.59 -0.91
N ILE B 332 -3.93 13.59 -1.74
CA ILE B 332 -2.76 14.43 -1.47
C ILE B 332 -2.97 15.90 -1.80
N MET B 333 -4.07 16.24 -2.46
CA MET B 333 -4.26 17.63 -2.92
C MET B 333 -4.89 18.54 -1.84
N PHE B 334 -4.40 19.78 -1.76
CA PHE B 334 -5.06 20.78 -0.94
C PHE B 334 -5.94 21.65 -1.81
N LEU B 335 -5.30 22.42 -2.67
CA LEU B 335 -5.98 23.41 -3.51
C LEU B 335 -6.19 22.90 -4.93
N PRO B 336 -7.44 22.99 -5.42
CA PRO B 336 -7.76 22.62 -6.81
C PRO B 336 -6.76 23.24 -7.77
N ASP B 337 -6.03 22.38 -8.48
CA ASP B 337 -5.08 22.79 -9.51
C ASP B 337 -4.46 24.17 -9.27
PA NAD C . 22.31 0.81 2.90
O1A NAD C . 23.75 1.09 3.26
O2A NAD C . 21.91 -0.51 2.29
O5B NAD C . 21.76 1.99 1.94
C5B NAD C . 22.33 3.30 1.95
C4B NAD C . 23.26 3.41 0.74
O4B NAD C . 23.32 4.72 0.19
C3B NAD C . 24.67 3.03 1.15
O3B NAD C . 24.98 1.73 0.67
C2B NAD C . 25.56 4.07 0.50
O2B NAD C . 26.56 3.43 -0.31
C1B NAD C . 24.63 4.91 -0.36
N9A NAD C . 25.08 6.33 -0.39
C8A NAD C . 25.51 7.10 0.65
N7A NAD C . 25.85 8.37 0.25
C5A NAD C . 25.65 8.43 -1.09
C6A NAD C . 25.79 9.40 -2.19
N6A NAD C . 26.15 10.66 -1.98
N1A NAD C . 25.52 8.93 -3.41
C2A NAD C . 25.09 7.76 -3.64
N3A NAD C . 24.87 6.86 -2.75
C4A NAD C . 25.17 7.12 -1.44
O3 NAD C . 21.42 1.03 4.23
PN NAD C . 19.82 1.02 4.12
O1N NAD C . 19.43 -0.07 3.14
O2N NAD C . 19.28 1.04 5.53
O5D NAD C . 19.47 2.44 3.43
C5D NAD C . 18.60 2.50 2.30
C4D NAD C . 17.44 3.44 2.60
O4D NAD C . 16.53 2.89 3.58
C3D NAD C . 17.94 4.76 3.18
O3D NAD C . 17.37 5.82 2.40
C2D NAD C . 17.43 4.77 4.61
O2D NAD C . 17.11 6.08 5.03
C1D NAD C . 16.18 3.92 4.52
N1N NAD C . 15.70 3.35 5.78
C2N NAD C . 16.42 2.44 6.45
C3N NAD C . 15.96 1.88 7.65
C7N NAD C . 16.77 0.84 8.38
O7N NAD C . 16.44 0.49 9.61
N7N NAD C . 17.76 0.28 7.83
C4N NAD C . 14.73 2.28 8.15
C5N NAD C . 14.00 3.24 7.45
C6N NAD C . 14.51 3.75 6.26
CL1 8PC D . 23.64 9.18 7.58
C17 8PC D . 22.58 7.73 7.63
C16 8PC D . 22.42 6.96 6.49
C15 8PC D . 21.60 5.83 6.53
CL2 8PC D . 21.38 4.80 5.06
C14 8PC D . 20.93 5.50 7.70
C19 8PC D . 21.10 6.27 8.85
C22 8PC D . 21.91 7.40 8.81
O13 8PC D . 20.15 4.38 7.71
C2 8PC D . 19.09 4.25 8.59
C3 8PC D . 19.16 3.19 9.47
C4 8PC D . 18.13 2.97 10.38
C5 8PC D . 17.04 3.81 10.40
C6 8PC D . 16.98 4.88 9.51
C1 8PC D . 18.01 5.11 8.60
O22 8PC D . 17.92 6.17 7.75
C7 8PC D . 15.93 3.59 11.38
C23 8PC D . 16.49 3.51 12.79
N24 8PC D . 15.97 4.31 13.75
C25 8PC D . 16.42 4.27 15.00
C26 8PC D . 17.44 3.41 15.36
C27 8PC D . 18.00 2.57 14.40
C28 8PC D . 17.51 2.63 13.11
PA NAD E . -21.97 -1.67 -3.45
O1A NAD E . -23.45 -1.42 -3.35
O2A NAD E . -21.39 -2.34 -4.68
O5B NAD E . -21.47 -2.49 -2.17
C5B NAD E . -22.18 -2.45 -0.93
C4B NAD E . -22.78 -3.82 -0.73
O4B NAD E . -22.91 -4.13 0.67
C3B NAD E . -24.16 -3.92 -1.36
O3B NAD E . -24.10 -4.86 -2.44
C2B NAD E . -25.07 -4.44 -0.26
O2B NAD E . -25.88 -5.53 -0.70
C1B NAD E . -24.12 -4.88 0.84
N9A NAD E . -24.74 -4.64 2.16
C8A NAD E . -25.29 -3.49 2.63
N7A NAD E . -25.78 -3.64 3.91
C5A NAD E . -25.53 -4.90 4.27
C6A NAD E . -25.75 -5.79 5.43
N6A NAD E . -26.39 -5.35 6.51
N1A NAD E . -25.28 -7.04 5.32
C2A NAD E . -24.64 -7.48 4.29
N3A NAD E . -24.49 -6.83 3.20
C4A NAD E . -24.87 -5.51 3.15
O3 NAD E . -21.25 -0.23 -3.25
PN NAD E . -19.65 -0.04 -3.14
O1N NAD E . -18.93 -1.14 -3.87
O2N NAD E . -19.34 1.40 -3.48
O5D NAD E . -19.37 -0.26 -1.56
C5D NAD E . -18.46 -1.26 -1.11
C4D NAD E . -17.54 -0.63 -0.06
O4D NAD E . -16.64 0.31 -0.66
C3D NAD E . -18.31 0.13 1.01
O3D NAD E . -17.72 -0.12 2.28
C2D NAD E . -18.11 1.60 0.64
O2D NAD E . -18.21 2.44 1.79
C1D NAD E . -16.70 1.55 0.06
N1N NAD E . -16.37 2.71 -0.77
C2N NAD E . -17.05 2.98 -1.89
C3N NAD E . -16.71 4.09 -2.68
C7N NAD E . -17.46 4.42 -3.95
O7N NAD E . -17.24 5.58 -4.55
N7N NAD E . -18.30 3.62 -4.46
C4N NAD E . -15.66 4.90 -2.28
C5N NAD E . -14.96 4.61 -1.10
C6N NAD E . -15.35 3.50 -0.37
CL1 8PC F . -25.64 4.19 2.86
C17 8PC F . -23.98 4.17 2.20
C16 8PC F . -23.53 3.06 1.52
C15 8PC F . -22.25 3.02 1.00
CL2 8PC F . -21.70 1.57 0.12
C14 8PC F . -21.40 4.11 1.15
C19 8PC F . -21.84 5.24 1.85
C22 8PC F . -23.13 5.27 2.38
O13 8PC F . -20.14 4.02 0.63
C2 8PC F . -19.62 4.98 -0.19
C3 8PC F . -20.18 5.30 -1.43
C4 8PC F . -19.59 6.28 -2.22
C5 8PC F . -18.44 6.94 -1.77
C6 8PC F . -17.90 6.62 -0.54
C1 8PC F . -18.48 5.64 0.24
O22 8PC F . -17.96 5.31 1.44
C7 8PC F . -17.77 8.03 -2.58
C23 8PC F . -18.52 9.33 -2.45
N24 8PC F . -17.88 10.50 -2.68
C25 8PC F . -18.53 11.67 -2.58
C26 8PC F . -19.87 11.71 -2.22
C27 8PC F . -20.55 10.54 -1.96
C28 8PC F . -19.87 9.34 -2.08
#